data_6SZ4
#
_entry.id   6SZ4
#
_cell.length_a   43.104
_cell.length_b   44.150
_cell.length_c   50.179
_cell.angle_alpha   76.095
_cell.angle_beta   66.231
_cell.angle_gamma   70.854
#
_symmetry.space_group_name_H-M   'P 1'
#
loop_
_entity.id
_entity.type
_entity.pdbx_description
1 polymer 'glucuronoyl esterase OtCE15A'
2 non-polymer 'beta-D-glucopyranuronic acid'
3 non-polymer 'FORMIC ACID'
4 water water
#
_entity_poly.entity_id   1
_entity_poly.type   'polypeptide(L)'
_entity_poly.pdbx_seq_one_letter_code
;MGSSHHHHHHSSENLYFQGHSAYTLPDPLVGADGTRVHDRATWQHRRRPELLQLFAREVYGRTPLGRPEGMVFKVTTMEH
AALGGAATRKEVTVRFGRDPNAPSMQLLLYVPNAVIARAERAPVFLGLNFYGNHTVHTDPAIALSARWIPAEAPNGANHR
ATEAARGSDAQKWPVEQILARGYAVATVYCGDLCPDRPDGLNASVASWLDAAAGDQRAPDAWGAIGVWAWGLSRALDYLE
TDPLVDASRVAVHGHSRLGKAALWAGAQDDRFALVISNESGCGGAALSKRIHGETVARINTVFPHWFARNFRRYDDHEEA
LPVDQHELLALVAPRPLYVASAEDDDWADPRGEFLAVKAAEPVFRLFGQTGPSGEDVPRVNEPSGGALRYHIRPGPAGMT
AQDWAFYLAFADEWLKSALPA
;
_entity_poly.pdbx_strand_id   A
#
loop_
_chem_comp.id
_chem_comp.type
_chem_comp.name
_chem_comp.formula
BDP D-saccharide, beta linking 'beta-D-glucopyranuronic acid' 'C6 H10 O7'
FMT non-polymer 'FORMIC ACID' 'C H2 O2'
#
# COMPACT_ATOMS: atom_id res chain seq x y z
N TYR A 23 13.83 -0.26 24.33
CA TYR A 23 12.41 -0.36 24.04
C TYR A 23 11.78 -1.62 24.66
N THR A 24 10.47 -1.83 24.45
CA THR A 24 9.78 -3.10 24.76
C THR A 24 8.32 -3.03 24.31
N LEU A 25 7.75 -4.15 23.74
CA LEU A 25 6.57 -4.00 22.86
C LEU A 25 5.23 -4.41 23.48
N PRO A 26 4.17 -3.68 23.14
CA PRO A 26 2.83 -4.19 23.42
C PRO A 26 2.66 -5.58 22.79
N ASP A 27 1.97 -6.48 23.48
CA ASP A 27 1.73 -7.82 22.94
C ASP A 27 0.48 -7.79 22.05
N PRO A 28 0.56 -8.17 20.77
CA PRO A 28 -0.65 -8.15 19.96
C PRO A 28 -1.72 -9.08 20.51
N LEU A 29 -1.31 -10.16 21.21
CA LEU A 29 -2.25 -11.16 21.70
C LEU A 29 -2.64 -10.96 23.16
N VAL A 30 -2.46 -9.76 23.70
CA VAL A 30 -3.03 -9.42 24.99
C VAL A 30 -3.97 -8.26 24.73
N GLY A 31 -5.24 -8.44 25.10
CA GLY A 31 -6.22 -7.42 24.84
C GLY A 31 -5.95 -6.17 25.66
N ALA A 32 -6.59 -5.07 25.25
CA ALA A 32 -6.38 -3.81 25.95
C ALA A 32 -6.67 -3.95 27.42
N ASP A 33 -7.58 -4.87 27.78
CA ASP A 33 -8.00 -5.08 29.16
C ASP A 33 -7.19 -6.15 29.88
N GLY A 34 -6.09 -6.62 29.31
CA GLY A 34 -5.22 -7.55 30.01
C GLY A 34 -5.56 -9.02 29.85
N THR A 35 -6.63 -9.36 29.14
CA THR A 35 -6.96 -10.77 28.93
C THR A 35 -6.41 -11.24 27.59
N ARG A 36 -5.85 -12.43 27.61
CA ARG A 36 -5.07 -12.88 26.47
C ARG A 36 -5.98 -13.47 25.41
N VAL A 37 -5.66 -13.20 24.15
CA VAL A 37 -6.32 -13.74 22.98
C VAL A 37 -5.75 -15.13 22.71
N HIS A 38 -6.59 -16.18 22.85
CA HIS A 38 -6.21 -17.55 22.52
C HIS A 38 -6.78 -18.05 21.18
N ASP A 39 -7.66 -17.31 20.50
CA ASP A 39 -8.43 -17.89 19.39
C ASP A 39 -8.70 -16.89 18.28
N ARG A 40 -8.91 -17.45 17.04
CA ARG A 40 -9.10 -16.58 15.89
C ARG A 40 -10.37 -15.74 15.93
N ALA A 41 -11.43 -16.20 16.58
CA ALA A 41 -12.66 -15.41 16.62
C ALA A 41 -12.47 -14.20 17.50
N THR A 42 -11.79 -14.36 18.66
CA THR A 42 -11.52 -13.21 19.51
C THR A 42 -10.60 -12.23 18.79
N TRP A 43 -9.61 -12.76 18.07
CA TRP A 43 -8.71 -11.91 17.31
C TRP A 43 -9.52 -11.10 16.31
N GLN A 44 -10.34 -11.79 15.50
CA GLN A 44 -11.04 -11.12 14.42
C GLN A 44 -12.13 -10.19 14.94
N HIS A 45 -12.88 -10.62 15.97
CA HIS A 45 -14.04 -9.88 16.42
C HIS A 45 -13.71 -8.79 17.43
N ARG A 46 -12.72 -9.02 18.28
CA ARG A 46 -12.45 -8.12 19.41
C ARG A 46 -11.10 -7.42 19.28
N ARG A 47 -10.02 -8.15 19.11
CA ARG A 47 -8.72 -7.50 19.21
C ARG A 47 -8.40 -6.68 17.96
N ARG A 48 -8.79 -7.19 16.81
CA ARG A 48 -8.56 -6.45 15.57
C ARG A 48 -9.22 -5.07 15.53
N PRO A 49 -10.51 -4.91 15.82
CA PRO A 49 -11.06 -3.54 15.92
C PRO A 49 -10.43 -2.71 17.03
N GLU A 50 -10.06 -3.31 18.17
CA GLU A 50 -9.28 -2.57 19.18
C GLU A 50 -8.05 -1.91 18.54
N LEU A 51 -7.27 -2.73 17.82
CA LEU A 51 -6.03 -2.24 17.21
C LEU A 51 -6.31 -1.23 16.11
N LEU A 52 -7.29 -1.49 15.25
CA LEU A 52 -7.55 -0.56 14.15
C LEU A 52 -7.88 0.81 14.71
N GLN A 53 -8.64 0.85 15.82
CA GLN A 53 -9.02 2.14 16.42
C GLN A 53 -7.82 2.87 17.02
N LEU A 54 -6.88 2.14 17.64
CA LEU A 54 -5.68 2.83 18.11
C LEU A 54 -4.87 3.38 16.95
N PHE A 55 -4.76 2.62 15.85
CA PHE A 55 -3.96 3.13 14.74
C PHE A 55 -4.63 4.33 14.10
N ALA A 56 -5.96 4.28 13.98
CA ALA A 56 -6.70 5.37 13.36
C ALA A 56 -6.56 6.63 14.20
N ARG A 57 -6.74 6.49 15.52
CA ARG A 57 -6.77 7.68 16.38
C ARG A 57 -5.37 8.25 16.62
N GLU A 58 -4.37 7.40 16.80
CA GLU A 58 -3.07 7.86 17.24
C GLU A 58 -2.04 7.95 16.14
N VAL A 59 -2.24 7.27 15.01
CA VAL A 59 -1.16 7.18 14.03
C VAL A 59 -1.63 7.80 12.72
N TYR A 60 -2.51 7.10 11.99
CA TYR A 60 -2.82 7.56 10.63
C TYR A 60 -3.98 8.56 10.60
N GLY A 61 -4.80 8.61 11.63
CA GLY A 61 -6.03 9.34 11.57
C GLY A 61 -7.17 8.50 11.02
N ARG A 62 -8.38 8.91 11.35
CA ARG A 62 -9.56 8.12 11.08
C ARG A 62 -9.97 8.23 9.63
N THR A 63 -10.11 7.10 8.96
CA THR A 63 -10.77 7.05 7.65
C THR A 63 -12.23 7.37 7.88
N PRO A 64 -12.76 8.49 7.37
CA PRO A 64 -14.11 8.90 7.82
C PRO A 64 -15.24 8.04 7.27
N LEU A 65 -15.05 7.39 6.12
CA LEU A 65 -16.05 6.53 5.52
C LEU A 65 -15.29 5.59 4.59
N GLY A 66 -15.90 4.45 4.30
CA GLY A 66 -15.31 3.56 3.32
C GLY A 66 -15.76 3.88 1.90
N ARG A 67 -16.50 2.98 1.28
CA ARG A 67 -16.97 3.24 -0.06
C ARG A 67 -17.96 4.40 -0.03
N PRO A 68 -17.72 5.52 -0.72
CA PRO A 68 -18.74 6.58 -0.74
C PRO A 68 -19.89 6.21 -1.68
N GLU A 69 -21.08 6.69 -1.36
CA GLU A 69 -22.23 6.42 -2.23
C GLU A 69 -22.00 7.08 -3.58
N GLY A 70 -22.50 6.44 -4.64
CA GLY A 70 -22.43 7.07 -5.92
C GLY A 70 -21.07 7.09 -6.57
N MET A 71 -20.22 6.11 -6.28
CA MET A 71 -19.01 5.95 -7.08
CA MET A 71 -19.01 5.94 -7.08
C MET A 71 -19.40 5.65 -8.52
N VAL A 72 -18.75 6.34 -9.45
CA VAL A 72 -18.96 6.13 -10.88
C VAL A 72 -17.66 5.70 -11.52
N PHE A 73 -17.73 4.69 -12.40
CA PHE A 73 -16.55 4.17 -13.09
C PHE A 73 -16.70 4.43 -14.57
N LYS A 74 -15.75 5.14 -15.17
CA LYS A 74 -15.85 5.50 -16.60
C LYS A 74 -14.59 5.05 -17.33
N VAL A 75 -14.73 4.05 -18.20
CA VAL A 75 -13.60 3.61 -19.02
C VAL A 75 -13.41 4.63 -20.13
N THR A 76 -12.30 5.36 -20.07
CA THR A 76 -11.97 6.42 -21.02
C THR A 76 -11.15 5.89 -22.21
N THR A 77 -10.34 4.85 -22.04
CA THR A 77 -9.62 4.28 -23.17
C THR A 77 -9.51 2.77 -22.99
N MET A 78 -9.52 2.06 -24.11
CA MET A 78 -9.53 0.60 -24.10
C MET A 78 -8.74 0.19 -25.33
N GLU A 79 -7.59 -0.46 -25.13
CA GLU A 79 -6.69 -0.92 -26.18
C GLU A 79 -6.38 -2.39 -25.94
N HIS A 80 -6.74 -3.25 -26.89
CA HIS A 80 -6.65 -4.69 -26.72
C HIS A 80 -5.32 -5.27 -27.13
N ALA A 81 -4.48 -4.49 -27.78
CA ALA A 81 -3.17 -4.97 -28.19
C ALA A 81 -2.09 -4.03 -27.73
N ALA A 82 -2.17 -3.62 -26.46
CA ALA A 82 -1.09 -2.85 -25.86
C ALA A 82 0.18 -3.71 -25.71
N LEU A 83 1.31 -3.02 -25.46
CA LEU A 83 2.59 -3.67 -25.25
C LEU A 83 2.82 -4.76 -26.30
N GLY A 84 2.65 -4.38 -27.57
CA GLY A 84 2.91 -5.29 -28.67
C GLY A 84 1.99 -6.48 -28.76
N GLY A 85 0.85 -6.44 -28.08
CA GLY A 85 -0.06 -7.54 -28.03
C GLY A 85 -0.01 -8.35 -26.75
N ALA A 86 0.86 -7.98 -25.82
CA ALA A 86 0.92 -8.76 -24.59
C ALA A 86 -0.24 -8.44 -23.67
N ALA A 87 -0.82 -7.25 -23.75
CA ALA A 87 -1.83 -6.90 -22.78
C ALA A 87 -2.95 -6.07 -23.37
N THR A 88 -4.09 -6.11 -22.68
N THR A 88 -4.10 -6.13 -22.68
CA THR A 88 -5.14 -5.13 -22.86
CA THR A 88 -5.16 -5.14 -22.86
C THR A 88 -4.90 -4.02 -21.85
C THR A 88 -4.95 -4.02 -21.85
N ARG A 89 -4.97 -2.78 -22.32
CA ARG A 89 -4.75 -1.61 -21.48
C ARG A 89 -6.07 -0.90 -21.31
N LYS A 90 -6.43 -0.57 -20.07
CA LYS A 90 -7.61 0.20 -19.74
C LYS A 90 -7.21 1.43 -18.92
N GLU A 91 -7.80 2.57 -19.25
CA GLU A 91 -7.74 3.75 -18.38
C GLU A 91 -9.14 4.06 -17.90
N VAL A 92 -9.29 4.18 -16.57
CA VAL A 92 -10.59 4.24 -15.91
C VAL A 92 -10.59 5.45 -14.99
N THR A 93 -11.51 6.38 -15.23
CA THR A 93 -11.75 7.41 -14.24
C THR A 93 -12.67 6.86 -13.16
N VAL A 94 -12.20 6.87 -11.91
CA VAL A 94 -13.00 6.41 -10.77
C VAL A 94 -13.43 7.65 -10.01
N ARG A 95 -14.70 8.01 -10.10
CA ARG A 95 -15.23 9.23 -9.48
C ARG A 95 -15.94 8.89 -8.19
N PHE A 96 -15.71 9.72 -7.17
CA PHE A 96 -16.09 9.37 -5.81
C PHE A 96 -17.49 9.88 -5.44
N GLY A 97 -18.23 10.38 -6.41
CA GLY A 97 -19.63 10.67 -6.23
C GLY A 97 -20.21 10.87 -7.61
N ARG A 98 -21.53 10.98 -7.65
CA ARG A 98 -22.22 10.94 -8.95
C ARG A 98 -22.15 12.27 -9.66
N ASP A 99 -22.19 13.38 -8.94
CA ASP A 99 -22.15 14.64 -9.64
C ASP A 99 -20.87 14.68 -10.47
N PRO A 100 -20.93 15.06 -11.74
CA PRO A 100 -19.69 15.22 -12.53
C PRO A 100 -18.64 16.10 -11.84
N ASN A 101 -19.01 16.83 -10.79
CA ASN A 101 -18.06 17.69 -10.09
C ASN A 101 -17.49 17.04 -8.84
N ALA A 102 -17.61 15.74 -8.70
CA ALA A 102 -16.95 15.11 -7.57
C ALA A 102 -15.51 14.84 -7.94
N PRO A 103 -14.62 14.78 -6.96
CA PRO A 103 -13.21 14.41 -7.25
C PRO A 103 -13.11 13.00 -7.81
N SER A 104 -12.02 12.77 -8.56
CA SER A 104 -11.77 11.47 -9.19
C SER A 104 -10.30 11.07 -9.13
N MET A 105 -10.03 9.78 -9.39
CA MET A 105 -8.66 9.34 -9.66
C MET A 105 -8.63 8.60 -10.99
N GLN A 106 -7.47 8.61 -11.63
CA GLN A 106 -7.32 7.94 -12.93
C GLN A 106 -6.57 6.63 -12.72
N LEU A 107 -7.26 5.52 -12.98
CA LEU A 107 -6.71 4.18 -12.76
C LEU A 107 -6.19 3.64 -14.10
N LEU A 108 -4.95 3.10 -14.07
CA LEU A 108 -4.35 2.47 -15.25
C LEU A 108 -4.24 0.98 -15.01
N LEU A 109 -4.59 0.17 -16.02
CA LEU A 109 -4.67 -1.27 -15.84
C LEU A 109 -4.13 -1.95 -17.08
N TYR A 110 -3.13 -2.80 -16.89
CA TYR A 110 -2.71 -3.73 -17.92
C TYR A 110 -3.17 -5.12 -17.50
N VAL A 111 -3.76 -5.86 -18.45
CA VAL A 111 -4.23 -7.22 -18.20
C VAL A 111 -3.53 -8.15 -19.17
N PRO A 112 -3.03 -9.31 -18.73
CA PRO A 112 -2.29 -10.19 -19.64
C PRO A 112 -3.24 -10.89 -20.59
N ASN A 113 -3.05 -10.67 -21.89
CA ASN A 113 -3.96 -11.21 -22.89
C ASN A 113 -3.96 -12.74 -22.90
N ALA A 114 -2.84 -13.36 -22.57
CA ALA A 114 -2.80 -14.82 -22.50
C ALA A 114 -3.89 -15.33 -21.58
N VAL A 115 -4.11 -14.63 -20.47
CA VAL A 115 -5.14 -15.03 -19.52
C VAL A 115 -6.53 -14.72 -20.10
N ILE A 116 -6.71 -13.49 -20.62
CA ILE A 116 -7.99 -13.09 -21.20
C ILE A 116 -8.40 -14.02 -22.33
N ALA A 117 -7.43 -14.46 -23.13
CA ALA A 117 -7.73 -15.26 -24.30
C ALA A 117 -8.28 -16.61 -23.89
N ARG A 118 -7.84 -17.14 -22.76
CA ARG A 118 -8.41 -18.34 -22.19
C ARG A 118 -9.76 -18.14 -21.56
N ALA A 119 -10.31 -16.92 -21.61
CA ALA A 119 -11.55 -16.62 -20.92
C ALA A 119 -11.44 -16.88 -19.41
N GLU A 120 -10.34 -16.41 -18.83
CA GLU A 120 -10.07 -16.54 -17.40
C GLU A 120 -9.85 -15.15 -16.81
N ARG A 121 -10.19 -14.97 -15.56
CA ARG A 121 -10.03 -13.66 -14.95
C ARG A 121 -8.67 -13.62 -14.25
N ALA A 122 -7.91 -12.56 -14.51
CA ALA A 122 -6.54 -12.44 -14.07
C ALA A 122 -6.47 -11.99 -12.61
N PRO A 123 -5.58 -12.57 -11.79
CA PRO A 123 -5.29 -11.96 -10.49
C PRO A 123 -4.58 -10.63 -10.75
N VAL A 124 -4.45 -9.79 -9.72
CA VAL A 124 -4.01 -8.42 -9.99
C VAL A 124 -3.01 -7.95 -8.94
N PHE A 125 -1.94 -7.26 -9.38
CA PHE A 125 -1.08 -6.52 -8.47
C PHE A 125 -1.53 -5.07 -8.51
N LEU A 126 -1.80 -4.48 -7.35
CA LEU A 126 -2.33 -3.13 -7.31
C LEU A 126 -1.42 -2.30 -6.40
N GLY A 127 -1.01 -1.12 -6.90
CA GLY A 127 -0.13 -0.26 -6.13
C GLY A 127 -0.14 1.16 -6.64
N LEU A 128 0.09 2.09 -5.73
CA LEU A 128 0.16 3.48 -6.18
C LEU A 128 1.52 3.80 -6.78
N ASN A 129 1.55 4.82 -7.62
CA ASN A 129 2.82 5.26 -8.16
C ASN A 129 3.18 6.65 -7.64
N PHE A 130 4.46 6.98 -7.72
CA PHE A 130 4.98 8.18 -7.09
C PHE A 130 4.77 9.44 -7.95
N TYR A 131 4.82 9.33 -9.27
CA TYR A 131 4.97 10.52 -10.11
C TYR A 131 3.99 10.53 -11.28
N GLY A 132 3.03 9.61 -11.30
CA GLY A 132 2.03 9.64 -12.36
C GLY A 132 1.96 8.33 -13.15
N ASN A 133 0.76 8.02 -13.66
CA ASN A 133 0.59 6.80 -14.46
C ASN A 133 1.52 6.76 -15.65
N HIS A 134 1.73 7.91 -16.30
CA HIS A 134 2.59 7.98 -17.47
C HIS A 134 4.04 7.61 -17.15
N THR A 135 4.43 7.55 -15.88
CA THR A 135 5.80 7.23 -15.54
C THR A 135 6.07 5.74 -15.35
N VAL A 136 5.03 4.92 -15.19
CA VAL A 136 5.31 3.52 -14.84
C VAL A 136 5.73 2.68 -16.04
N HIS A 137 5.54 3.21 -17.25
CA HIS A 137 5.88 2.52 -18.48
C HIS A 137 5.98 3.57 -19.56
N THR A 138 6.80 3.29 -20.58
CA THR A 138 7.03 4.27 -21.63
C THR A 138 5.83 4.43 -22.54
N ASP A 139 4.95 3.44 -22.53
CA ASP A 139 3.77 3.39 -23.38
C ASP A 139 3.25 4.78 -23.69
N PRO A 140 3.47 5.31 -24.90
CA PRO A 140 3.05 6.69 -25.18
C PRO A 140 1.54 6.92 -25.10
N ALA A 141 0.73 5.86 -24.97
CA ALA A 141 -0.72 6.02 -24.99
C ALA A 141 -1.28 6.43 -23.63
N ILE A 142 -0.53 6.19 -22.55
CA ILE A 142 -1.00 6.53 -21.22
C ILE A 142 -1.24 8.04 -21.13
N ALA A 143 -2.38 8.41 -20.55
CA ALA A 143 -2.64 9.83 -20.30
C ALA A 143 -1.59 10.45 -19.38
N LEU A 144 -1.08 11.63 -19.78
CA LEU A 144 -0.22 12.38 -18.88
C LEU A 144 -1.06 12.93 -17.73
N SER A 145 -0.65 12.69 -16.50
CA SER A 145 -1.37 13.28 -15.39
C SER A 145 -1.61 14.76 -15.66
N ALA A 146 -2.75 15.26 -15.22
CA ALA A 146 -2.98 16.70 -15.20
C ALA A 146 -2.80 17.28 -13.81
N ARG A 147 -2.44 16.46 -12.85
CA ARG A 147 -2.35 16.90 -11.47
C ARG A 147 -0.94 17.43 -11.18
N TRP A 148 -0.85 18.15 -10.08
CA TRP A 148 0.44 18.56 -9.57
C TRP A 148 1.39 17.38 -9.44
N ILE A 149 2.62 17.58 -9.92
CA ILE A 149 3.72 16.62 -9.87
C ILE A 149 4.82 17.19 -8.98
N PRO A 150 5.44 16.41 -8.09
CA PRO A 150 6.47 16.98 -7.22
C PRO A 150 7.74 17.32 -7.98
N ALA A 151 8.53 18.21 -7.38
CA ALA A 151 9.81 18.61 -7.96
C ALA A 151 10.76 17.44 -8.08
N GLU A 152 10.67 16.46 -7.17
CA GLU A 152 11.54 15.29 -7.21
C GLU A 152 11.26 14.37 -8.39
N ALA A 153 10.16 14.57 -9.10
CA ALA A 153 9.84 13.67 -10.21
C ALA A 153 10.81 13.90 -11.35
N PRO A 154 11.35 12.85 -11.96
CA PRO A 154 12.23 13.06 -13.12
C PRO A 154 11.50 13.78 -14.25
N ASN A 155 12.16 14.81 -14.79
CA ASN A 155 11.89 15.38 -16.10
C ASN A 155 10.67 16.26 -16.13
N GLY A 156 10.26 16.75 -14.97
CA GLY A 156 9.10 17.62 -14.90
C GLY A 156 9.38 19.01 -15.42
N ALA A 157 8.28 19.69 -15.77
CA ALA A 157 8.29 21.07 -16.23
C ALA A 157 7.25 21.82 -15.40
N ASN A 158 7.70 22.41 -14.28
CA ASN A 158 6.88 23.32 -13.51
C ASN A 158 5.77 22.60 -12.74
N HIS A 159 6.09 21.43 -12.18
CA HIS A 159 5.12 20.59 -11.48
C HIS A 159 4.03 20.08 -12.40
N ARG A 160 4.29 20.06 -13.70
CA ARG A 160 3.34 19.64 -14.72
C ARG A 160 3.98 18.50 -15.50
N ALA A 161 3.23 17.42 -15.72
CA ALA A 161 3.77 16.30 -16.47
C ALA A 161 4.15 16.75 -17.88
N THR A 162 5.23 16.15 -18.39
CA THR A 162 5.72 16.38 -19.74
C THR A 162 5.90 15.04 -20.45
N GLU A 163 5.98 15.08 -21.78
CA GLU A 163 6.27 13.86 -22.52
C GLU A 163 7.58 13.22 -22.06
N ALA A 164 8.56 14.05 -21.65
CA ALA A 164 9.86 13.56 -21.26
C ALA A 164 9.81 12.69 -20.00
N ALA A 165 8.75 12.82 -19.19
CA ALA A 165 8.62 12.02 -17.98
C ALA A 165 8.07 10.63 -18.27
N ARG A 166 7.66 10.36 -19.51
CA ARG A 166 7.13 9.05 -19.84
C ARG A 166 8.15 7.98 -19.52
N GLY A 167 7.70 6.93 -18.84
CA GLY A 167 8.55 5.82 -18.49
C GLY A 167 9.63 6.19 -17.48
N SER A 168 9.51 7.35 -16.85
CA SER A 168 10.56 7.82 -15.96
C SER A 168 10.67 7.02 -14.66
N ASP A 169 9.66 6.25 -14.27
CA ASP A 169 9.76 5.35 -13.11
C ASP A 169 9.56 3.88 -13.50
N ALA A 170 9.81 3.54 -14.75
CA ALA A 170 9.61 2.16 -15.18
C ALA A 170 10.52 1.17 -14.45
N GLN A 171 11.64 1.63 -13.86
CA GLN A 171 12.55 0.72 -13.18
C GLN A 171 11.94 0.09 -11.93
N LYS A 172 10.88 0.68 -11.37
CA LYS A 172 10.18 0.10 -10.25
C LYS A 172 8.97 -0.72 -10.69
N TRP A 173 8.70 -0.83 -12.00
CA TRP A 173 7.47 -1.37 -12.54
C TRP A 173 7.80 -2.35 -13.68
N PRO A 174 8.09 -3.57 -13.35
CA PRO A 174 8.44 -4.53 -14.41
C PRO A 174 7.20 -5.11 -15.09
N VAL A 175 6.51 -4.26 -15.85
CA VAL A 175 5.14 -4.58 -16.29
C VAL A 175 5.13 -5.89 -17.08
N GLU A 176 6.03 -5.99 -18.05
CA GLU A 176 6.01 -7.13 -18.96
C GLU A 176 6.32 -8.43 -18.24
N GLN A 177 7.25 -8.44 -17.28
CA GLN A 177 7.46 -9.66 -16.51
C GLN A 177 6.26 -10.02 -15.64
N ILE A 178 5.61 -9.02 -15.05
CA ILE A 178 4.41 -9.28 -14.26
C ILE A 178 3.31 -9.86 -15.14
N LEU A 179 3.09 -9.28 -16.31
CA LEU A 179 2.07 -9.79 -17.23
C LEU A 179 2.38 -11.20 -17.67
N ALA A 180 3.67 -11.47 -17.95
CA ALA A 180 4.04 -12.79 -18.45
C ALA A 180 3.86 -13.85 -17.39
N ARG A 181 3.90 -13.48 -16.12
CA ARG A 181 3.71 -14.44 -15.03
C ARG A 181 2.24 -14.62 -14.70
N GLY A 182 1.34 -14.00 -15.48
CA GLY A 182 -0.08 -14.25 -15.38
C GLY A 182 -0.91 -13.25 -14.58
N TYR A 183 -0.37 -12.06 -14.33
CA TYR A 183 -0.93 -11.08 -13.40
C TYR A 183 -1.22 -9.75 -14.08
N ALA A 184 -2.36 -9.15 -13.76
CA ALA A 184 -2.64 -7.80 -14.24
C ALA A 184 -1.89 -6.80 -13.37
N VAL A 185 -1.64 -5.62 -13.91
CA VAL A 185 -0.97 -4.55 -13.18
C VAL A 185 -1.91 -3.35 -13.18
N ALA A 186 -2.26 -2.89 -11.99
CA ALA A 186 -3.09 -1.72 -11.87
C ALA A 186 -2.39 -0.68 -11.02
N THR A 187 -2.54 0.59 -11.41
CA THR A 187 -1.88 1.63 -10.66
C THR A 187 -2.64 2.95 -10.78
N VAL A 188 -2.50 3.76 -9.73
CA VAL A 188 -3.03 5.13 -9.68
C VAL A 188 -1.93 6.02 -9.11
N TYR A 189 -1.80 7.23 -9.66
CA TYR A 189 -0.89 8.24 -9.10
C TYR A 189 -1.35 8.67 -7.71
N CYS A 190 -0.49 8.49 -6.70
CA CYS A 190 -0.89 8.88 -5.35
C CYS A 190 -1.39 10.32 -5.25
N GLY A 191 -0.84 11.23 -6.05
CA GLY A 191 -1.24 12.62 -6.04
C GLY A 191 -2.62 12.91 -6.60
N ASP A 192 -3.26 11.93 -7.26
CA ASP A 192 -4.69 12.09 -7.55
C ASP A 192 -5.49 12.11 -6.26
N LEU A 193 -5.00 11.44 -5.23
CA LEU A 193 -5.69 11.34 -3.96
C LEU A 193 -5.28 12.42 -2.97
N CYS A 194 -4.03 12.68 -2.88
CA CYS A 194 -3.44 13.71 -2.02
C CYS A 194 -2.09 14.03 -2.61
N PRO A 195 -1.94 15.23 -3.19
CA PRO A 195 -0.61 15.65 -3.65
C PRO A 195 0.38 15.56 -2.51
N ASP A 196 1.54 14.94 -2.78
CA ASP A 196 2.55 14.73 -1.75
C ASP A 196 3.34 16.04 -1.59
N ARG A 197 2.70 16.99 -0.93
CA ARG A 197 3.36 18.24 -0.55
C ARG A 197 2.72 18.61 0.78
N PRO A 198 3.46 19.29 1.67
CA PRO A 198 2.92 19.56 3.01
C PRO A 198 1.53 20.20 3.07
N ASP A 199 1.10 20.89 2.01
CA ASP A 199 -0.23 21.47 1.97
C ASP A 199 -1.22 20.68 1.11
N GLY A 200 -0.91 19.42 0.80
CA GLY A 200 -1.68 18.68 -0.16
C GLY A 200 -3.06 18.30 0.30
N LEU A 201 -3.29 18.25 1.61
CA LEU A 201 -4.60 17.77 2.06
C LEU A 201 -5.71 18.75 1.73
N ASN A 202 -5.39 20.02 1.45
CA ASN A 202 -6.40 21.03 1.12
C ASN A 202 -6.83 20.97 -0.32
N ALA A 203 -6.16 20.16 -1.13
CA ALA A 203 -6.59 19.89 -2.51
C ALA A 203 -6.81 18.40 -2.71
N SER A 204 -7.07 17.68 -1.63
CA SER A 204 -7.20 16.23 -1.67
C SER A 204 -8.65 15.81 -1.50
N VAL A 205 -8.83 14.49 -1.50
CA VAL A 205 -10.12 13.90 -1.20
C VAL A 205 -10.51 14.19 0.23
N ALA A 206 -9.53 14.44 1.10
CA ALA A 206 -9.86 14.70 2.51
C ALA A 206 -10.70 15.95 2.65
N SER A 207 -10.44 16.97 1.83
CA SER A 207 -11.11 18.27 2.01
C SER A 207 -12.50 18.25 1.40
N TRP A 208 -12.64 17.58 0.26
CA TRP A 208 -13.95 17.41 -0.34
C TRP A 208 -14.86 16.59 0.55
N LEU A 209 -14.29 15.64 1.28
CA LEU A 209 -15.06 14.62 1.98
C LEU A 209 -15.19 14.86 3.47
N ASP A 210 -14.27 15.64 4.05
CA ASP A 210 -14.25 15.92 5.49
C ASP A 210 -14.88 17.27 5.80
N ALA A 211 -15.79 17.73 4.95
CA ALA A 211 -16.54 18.94 5.18
C ALA A 211 -15.61 20.07 5.66
N ALA A 212 -14.81 20.56 4.71
CA ALA A 212 -13.79 21.56 5.01
C ALA A 212 -14.40 22.93 5.36
N ALA A 213 -15.44 22.94 6.20
CA ALA A 213 -16.07 24.21 6.59
C ALA A 213 -15.17 24.99 7.53
N GLY A 214 -14.78 24.37 8.64
CA GLY A 214 -13.57 24.77 9.32
C GLY A 214 -12.39 24.41 8.45
N ASP A 215 -11.20 24.72 8.93
CA ASP A 215 -10.01 24.47 8.15
C ASP A 215 -9.02 23.58 8.88
N GLN A 216 -8.46 24.03 10.01
CA GLN A 216 -7.55 23.12 10.69
C GLN A 216 -8.18 21.72 10.86
N ARG A 217 -7.53 20.69 10.33
CA ARG A 217 -8.07 19.36 10.52
C ARG A 217 -7.99 19.01 12.00
N ALA A 218 -8.92 18.15 12.41
CA ALA A 218 -8.99 17.69 13.78
C ALA A 218 -7.75 16.89 14.19
N PRO A 219 -7.50 16.82 15.50
CA PRO A 219 -6.34 16.07 15.98
C PRO A 219 -6.30 14.62 15.49
N ASP A 220 -7.45 14.01 15.21
CA ASP A 220 -7.48 12.62 14.74
C ASP A 220 -7.91 12.51 13.30
N ALA A 221 -7.84 13.62 12.55
CA ALA A 221 -8.17 13.55 11.13
C ALA A 221 -7.07 12.85 10.34
N TRP A 222 -7.48 12.17 9.26
CA TRP A 222 -6.53 11.42 8.48
C TRP A 222 -5.60 12.35 7.69
N GLY A 223 -4.41 11.82 7.36
CA GLY A 223 -3.43 12.47 6.55
C GLY A 223 -3.29 11.82 5.18
N ALA A 224 -2.13 12.06 4.57
CA ALA A 224 -1.93 11.54 3.21
C ALA A 224 -1.96 10.02 3.19
N ILE A 225 -1.35 9.38 4.19
CA ILE A 225 -1.28 7.93 4.19
C ILE A 225 -2.68 7.35 4.26
N GLY A 226 -3.55 7.92 5.09
CA GLY A 226 -4.91 7.42 5.17
C GLY A 226 -5.66 7.61 3.87
N VAL A 227 -5.42 8.75 3.21
CA VAL A 227 -6.05 9.08 1.94
C VAL A 227 -5.50 8.19 0.81
N TRP A 228 -4.17 7.94 0.79
CA TRP A 228 -3.63 7.05 -0.21
C TRP A 228 -4.21 5.65 -0.03
N ALA A 229 -4.32 5.21 1.22
CA ALA A 229 -4.80 3.87 1.49
C ALA A 229 -6.25 3.73 1.05
N TRP A 230 -7.09 4.72 1.39
CA TRP A 230 -8.48 4.73 0.94
C TRP A 230 -8.60 4.66 -0.57
N GLY A 231 -7.70 5.35 -1.29
CA GLY A 231 -7.72 5.27 -2.74
C GLY A 231 -7.45 3.87 -3.24
N LEU A 232 -6.62 3.11 -2.54
CA LEU A 232 -6.35 1.74 -2.93
C LEU A 232 -7.60 0.89 -2.81
N SER A 233 -8.34 1.08 -1.71
CA SER A 233 -9.62 0.40 -1.54
C SER A 233 -10.63 0.82 -2.62
N ARG A 234 -10.59 2.09 -3.07
CA ARG A 234 -11.49 2.54 -4.14
C ARG A 234 -11.12 1.96 -5.49
N ALA A 235 -9.82 1.75 -5.75
CA ALA A 235 -9.40 1.05 -6.94
C ALA A 235 -9.92 -0.38 -6.93
N LEU A 236 -9.91 -1.02 -5.76
CA LEU A 236 -10.43 -2.38 -5.66
C LEU A 236 -11.93 -2.42 -5.92
N ASP A 237 -12.68 -1.40 -5.45
CA ASP A 237 -14.09 -1.31 -5.78
C ASP A 237 -14.29 -1.34 -7.28
N TYR A 238 -13.40 -0.68 -8.03
CA TYR A 238 -13.50 -0.72 -9.48
C TYR A 238 -13.18 -2.13 -10.01
N LEU A 239 -12.08 -2.72 -9.53
CA LEU A 239 -11.66 -4.04 -10.00
C LEU A 239 -12.76 -5.06 -9.83
N GLU A 240 -13.58 -4.90 -8.80
CA GLU A 240 -14.70 -5.83 -8.59
C GLU A 240 -15.72 -5.79 -9.72
N THR A 241 -15.74 -4.70 -10.50
CA THR A 241 -16.66 -4.54 -11.62
C THR A 241 -16.03 -4.92 -12.96
N ASP A 242 -14.71 -5.15 -12.99
CA ASP A 242 -14.02 -5.35 -14.26
C ASP A 242 -14.04 -6.83 -14.60
N PRO A 243 -14.68 -7.24 -15.70
CA PRO A 243 -14.83 -8.67 -15.98
C PRO A 243 -13.54 -9.38 -16.35
N LEU A 244 -12.46 -8.63 -16.60
CA LEU A 244 -11.19 -9.22 -16.99
C LEU A 244 -10.37 -9.68 -15.80
N VAL A 245 -10.71 -9.27 -14.57
CA VAL A 245 -9.89 -9.52 -13.41
C VAL A 245 -10.72 -10.20 -12.31
N ASP A 246 -10.02 -10.84 -11.39
CA ASP A 246 -10.62 -11.56 -10.28
C ASP A 246 -10.30 -10.70 -9.07
N ALA A 247 -11.28 -9.89 -8.63
CA ALA A 247 -11.04 -8.94 -7.54
C ALA A 247 -10.94 -9.61 -6.18
N SER A 248 -11.10 -10.93 -6.11
CA SER A 248 -10.78 -11.74 -4.93
C SER A 248 -9.29 -12.14 -4.85
N ARG A 249 -8.48 -11.79 -5.83
CA ARG A 249 -7.07 -12.15 -5.87
C ARG A 249 -6.26 -10.91 -6.26
N VAL A 250 -6.28 -9.94 -5.35
CA VAL A 250 -5.55 -8.71 -5.57
C VAL A 250 -4.50 -8.62 -4.50
N ALA A 251 -3.25 -8.48 -4.94
CA ALA A 251 -2.11 -8.20 -4.08
C ALA A 251 -1.90 -6.69 -4.08
N VAL A 252 -1.98 -6.08 -2.91
CA VAL A 252 -1.78 -4.66 -2.76
C VAL A 252 -0.33 -4.47 -2.36
N HIS A 253 0.36 -3.55 -3.03
CA HIS A 253 1.78 -3.34 -2.78
C HIS A 253 2.11 -1.86 -2.82
N GLY A 254 3.18 -1.47 -2.14
CA GLY A 254 3.76 -0.19 -2.50
C GLY A 254 5.17 -0.10 -1.98
N HIS A 255 5.88 0.90 -2.48
CA HIS A 255 7.26 1.14 -2.13
C HIS A 255 7.36 2.33 -1.17
N SER A 256 8.19 2.17 -0.13
CA SER A 256 8.46 3.30 0.74
C SER A 256 7.17 3.97 1.29
N ARG A 257 6.96 5.28 1.04
CA ARG A 257 5.80 5.92 1.64
C ARG A 257 4.49 5.34 1.10
N LEU A 258 4.50 4.87 -0.17
CA LEU A 258 3.31 4.23 -0.74
C LEU A 258 3.14 2.80 -0.21
N GLY A 259 4.21 2.24 0.37
CA GLY A 259 4.09 0.98 1.09
C GLY A 259 3.56 1.15 2.47
N LYS A 260 3.78 2.32 3.09
CA LYS A 260 3.03 2.63 4.28
C LYS A 260 1.54 2.61 3.98
N ALA A 261 1.15 3.20 2.86
CA ALA A 261 -0.26 3.20 2.46
C ALA A 261 -0.77 1.79 2.15
N ALA A 262 0.02 0.97 1.43
CA ALA A 262 -0.44 -0.38 1.11
C ALA A 262 -0.67 -1.20 2.38
N LEU A 263 0.22 -1.06 3.36
CA LEU A 263 -0.03 -1.74 4.64
C LEU A 263 -1.33 -1.26 5.28
N TRP A 264 -1.49 0.06 5.40
CA TRP A 264 -2.68 0.60 6.04
C TRP A 264 -3.92 0.21 5.26
N ALA A 265 -3.83 0.15 3.93
CA ALA A 265 -5.00 -0.27 3.13
C ALA A 265 -5.32 -1.74 3.34
N GLY A 266 -4.29 -2.57 3.36
CA GLY A 266 -4.45 -3.99 3.58
C GLY A 266 -4.94 -4.33 4.97
N ALA A 267 -4.48 -3.57 5.98
CA ALA A 267 -4.96 -3.81 7.34
C ALA A 267 -6.44 -3.42 7.49
N GLN A 268 -6.86 -2.27 6.92
CA GLN A 268 -8.25 -1.83 7.09
C GLN A 268 -9.26 -2.60 6.24
N ASP A 269 -8.84 -3.14 5.11
CA ASP A 269 -9.76 -3.66 4.09
C ASP A 269 -9.40 -5.12 3.85
N ASP A 270 -10.14 -6.03 4.46
CA ASP A 270 -9.70 -7.41 4.37
C ASP A 270 -10.11 -8.07 3.06
N ARG A 271 -10.63 -7.33 2.10
CA ARG A 271 -10.82 -7.89 0.77
C ARG A 271 -9.50 -8.11 0.03
N PHE A 272 -8.44 -7.42 0.44
CA PHE A 272 -7.16 -7.52 -0.23
C PHE A 272 -6.57 -8.90 0.05
N ALA A 273 -6.26 -9.64 -1.02
CA ALA A 273 -5.84 -11.03 -0.86
C ALA A 273 -4.44 -11.16 -0.27
N LEU A 274 -3.56 -10.22 -0.57
CA LEU A 274 -2.14 -10.35 -0.27
C LEU A 274 -1.58 -8.94 -0.15
N VAL A 275 -0.64 -8.76 0.78
CA VAL A 275 -0.12 -7.43 1.10
C VAL A 275 1.40 -7.46 1.00
N ILE A 276 1.97 -6.51 0.26
CA ILE A 276 3.42 -6.39 0.10
C ILE A 276 3.87 -5.01 0.55
N SER A 277 4.85 -5.00 1.46
CA SER A 277 5.44 -3.78 1.98
C SER A 277 6.90 -3.78 1.51
N ASN A 278 7.21 -2.92 0.53
CA ASN A 278 8.56 -2.82 0.01
C ASN A 278 9.25 -1.62 0.65
N GLU A 279 10.08 -1.88 1.67
CA GLU A 279 10.96 -0.88 2.27
C GLU A 279 10.13 0.32 2.69
N SER A 280 9.13 0.01 3.51
CA SER A 280 8.19 1.03 3.91
C SER A 280 8.63 1.81 5.15
N GLY A 281 9.50 1.23 5.97
CA GLY A 281 10.15 2.04 7.02
C GLY A 281 9.21 2.62 8.05
N CYS A 282 9.44 3.90 8.38
CA CYS A 282 8.90 4.48 9.61
C CYS A 282 7.40 4.71 9.45
N GLY A 283 6.62 4.18 10.39
CA GLY A 283 5.19 4.20 10.27
C GLY A 283 4.70 3.28 9.20
N GLY A 284 5.60 2.43 8.71
CA GLY A 284 5.26 1.36 7.81
C GLY A 284 5.43 0.06 8.58
N ALA A 285 6.42 -0.73 8.18
CA ALA A 285 6.72 -1.99 8.83
C ALA A 285 7.78 -1.86 9.92
N ALA A 286 8.48 -0.76 10.00
CA ALA A 286 9.51 -0.68 11.02
C ALA A 286 8.92 -0.34 12.38
N LEU A 287 9.42 -1.00 13.44
CA LEU A 287 9.06 -0.60 14.80
C LEU A 287 9.45 0.85 15.06
N SER A 288 8.53 1.60 15.67
CA SER A 288 8.81 2.98 16.07
C SER A 288 9.56 3.06 17.39
N LYS A 289 9.26 2.13 18.30
CA LYS A 289 9.87 2.11 19.63
C LYS A 289 11.35 1.74 19.58
N ARG A 290 11.81 1.23 18.44
CA ARG A 290 13.21 1.03 18.14
C ARG A 290 13.75 2.31 17.51
N ILE A 291 14.55 3.05 18.27
CA ILE A 291 15.02 4.37 17.82
C ILE A 291 16.17 4.11 16.86
N HIS A 292 15.89 4.10 15.57
CA HIS A 292 16.89 3.77 14.60
C HIS A 292 16.49 4.32 13.25
N GLY A 293 17.45 4.93 12.55
CA GLY A 293 17.07 5.61 11.33
C GLY A 293 15.94 6.55 11.61
N GLU A 294 14.99 6.61 10.69
CA GLU A 294 13.91 7.59 10.81
C GLU A 294 13.13 7.43 12.05
N THR A 295 12.82 8.50 12.77
CA THR A 295 12.05 8.41 14.00
C THR A 295 10.74 9.15 13.83
N VAL A 296 9.83 8.97 14.77
CA VAL A 296 8.54 9.64 14.70
C VAL A 296 8.73 11.16 14.58
N ALA A 297 9.60 11.72 15.40
CA ALA A 297 9.76 13.17 15.32
C ALA A 297 10.23 13.60 13.95
N ARG A 298 11.12 12.83 13.35
CA ARG A 298 11.71 13.24 12.08
C ARG A 298 10.70 13.11 10.95
N ILE A 299 9.89 12.05 10.96
CA ILE A 299 8.95 11.86 9.85
C ILE A 299 7.86 12.91 9.91
N ASN A 300 7.40 13.26 11.12
CA ASN A 300 6.34 14.25 11.24
C ASN A 300 6.84 15.65 10.95
N THR A 301 8.09 15.95 11.28
CA THR A 301 8.61 17.28 11.05
C THR A 301 8.77 17.53 9.55
N VAL A 302 9.27 16.53 8.83
CA VAL A 302 9.52 16.67 7.39
C VAL A 302 8.25 16.50 6.59
N PHE A 303 7.31 15.66 7.07
CA PHE A 303 6.09 15.29 6.36
C PHE A 303 4.90 15.45 7.31
N PRO A 304 4.53 16.70 7.63
CA PRO A 304 3.49 16.93 8.65
C PRO A 304 2.12 16.50 8.21
N HIS A 305 1.94 16.32 6.91
CA HIS A 305 0.66 15.92 6.37
C HIS A 305 0.52 14.41 6.18
N TRP A 306 1.50 13.60 6.57
CA TRP A 306 1.33 12.17 6.27
C TRP A 306 0.44 11.48 7.29
N PHE A 307 0.60 11.82 8.55
CA PHE A 307 -0.04 11.14 9.67
C PHE A 307 -1.10 12.05 10.29
N ALA A 308 -1.82 11.51 11.27
CA ALA A 308 -2.68 12.36 12.07
C ALA A 308 -1.83 13.40 12.78
N ARG A 309 -2.43 14.56 13.10
CA ARG A 309 -1.77 15.46 14.05
C ARG A 309 -1.48 14.77 15.38
N ASN A 310 -2.34 13.82 15.77
CA ASN A 310 -2.13 13.10 17.03
C ASN A 310 -0.79 12.37 17.07
N PHE A 311 -0.28 11.94 15.93
CA PHE A 311 0.96 11.18 15.90
C PHE A 311 2.13 12.00 16.45
N ARG A 312 2.08 13.34 16.26
CA ARG A 312 3.11 14.24 16.76
C ARG A 312 3.23 14.19 18.27
N ARG A 313 2.21 13.71 18.96
CA ARG A 313 2.31 13.54 20.40
C ARG A 313 3.46 12.63 20.77
N TYR A 314 3.83 11.73 19.86
CA TYR A 314 4.88 10.72 20.09
C TYR A 314 6.25 11.15 19.59
N ASP A 315 6.38 12.35 19.01
CA ASP A 315 7.68 12.90 18.68
C ASP A 315 8.59 12.81 19.92
N ASP A 316 9.74 12.15 19.79
CA ASP A 316 10.68 11.94 20.88
C ASP A 316 10.04 11.26 22.07
N HIS A 317 8.91 10.59 21.89
CA HIS A 317 8.22 9.92 22.98
C HIS A 317 7.63 8.60 22.51
N GLU A 318 8.37 7.87 21.68
CA GLU A 318 7.87 6.61 21.13
C GLU A 318 7.54 5.61 22.22
N GLU A 319 8.09 5.78 23.42
CA GLU A 319 7.80 4.82 24.49
C GLU A 319 6.35 4.88 24.93
N ALA A 320 5.65 5.98 24.64
CA ALA A 320 4.26 6.12 25.02
C ALA A 320 3.29 5.72 23.91
N LEU A 321 3.78 5.36 22.73
CA LEU A 321 2.88 4.81 21.71
C LEU A 321 2.14 3.60 22.28
N PRO A 322 0.82 3.50 22.08
CA PRO A 322 0.08 2.32 22.60
C PRO A 322 0.16 1.13 21.68
N VAL A 323 0.66 1.32 20.46
CA VAL A 323 0.82 0.25 19.49
C VAL A 323 2.22 0.39 18.94
N ASP A 324 2.66 -0.64 18.22
CA ASP A 324 3.80 -0.48 17.35
C ASP A 324 3.45 -1.19 16.06
N GLN A 325 4.33 -1.03 15.08
CA GLN A 325 4.00 -1.45 13.73
C GLN A 325 3.89 -2.96 13.59
N HIS A 326 4.41 -3.76 14.53
CA HIS A 326 4.19 -5.20 14.44
C HIS A 326 2.69 -5.50 14.45
N GLU A 327 1.93 -4.67 15.16
CA GLU A 327 0.48 -4.83 15.26
C GLU A 327 -0.23 -4.42 13.98
N LEU A 328 0.29 -3.46 13.22
CA LEU A 328 -0.24 -3.23 11.89
C LEU A 328 0.00 -4.44 11.00
N LEU A 329 1.19 -5.02 11.05
CA LEU A 329 1.45 -6.24 10.29
C LEU A 329 0.52 -7.37 10.75
N ALA A 330 0.34 -7.55 12.06
CA ALA A 330 -0.56 -8.59 12.55
C ALA A 330 -1.99 -8.41 12.05
N LEU A 331 -2.37 -7.17 11.72
CA LEU A 331 -3.71 -6.89 11.23
C LEU A 331 -3.95 -7.46 9.83
N VAL A 332 -2.88 -7.80 9.09
CA VAL A 332 -3.10 -8.47 7.81
C VAL A 332 -3.49 -9.94 8.00
N ALA A 333 -3.18 -10.54 9.14
CA ALA A 333 -3.35 -11.98 9.25
C ALA A 333 -4.83 -12.34 9.13
N PRO A 334 -5.16 -13.53 8.59
CA PRO A 334 -4.22 -14.54 8.09
C PRO A 334 -3.89 -14.40 6.63
N ARG A 335 -4.17 -13.24 6.05
CA ARG A 335 -3.81 -13.07 4.67
C ARG A 335 -2.30 -12.96 4.53
N PRO A 336 -1.77 -13.46 3.43
CA PRO A 336 -0.30 -13.46 3.23
C PRO A 336 0.28 -12.05 3.20
N LEU A 337 1.38 -11.87 3.91
CA LEU A 337 2.06 -10.58 3.99
C LEU A 337 3.54 -10.73 3.69
N TYR A 338 4.06 -9.83 2.86
CA TYR A 338 5.47 -9.79 2.55
C TYR A 338 6.03 -8.45 2.96
N VAL A 339 7.04 -8.46 3.83
CA VAL A 339 7.79 -7.26 4.23
C VAL A 339 9.21 -7.43 3.73
N ALA A 340 9.74 -6.43 3.02
CA ALA A 340 11.11 -6.56 2.53
C ALA A 340 11.88 -5.26 2.70
N SER A 341 13.20 -5.41 2.93
CA SER A 341 14.12 -4.33 3.16
C SER A 341 15.24 -4.31 2.13
N ALA A 342 15.90 -3.15 2.05
CA ALA A 342 17.16 -2.99 1.32
C ALA A 342 18.30 -2.89 2.35
N GLU A 343 19.41 -3.58 2.05
CA GLU A 343 20.53 -3.65 2.99
C GLU A 343 21.07 -2.28 3.35
N ASP A 344 21.18 -1.38 2.38
CA ASP A 344 21.79 -0.08 2.67
C ASP A 344 20.81 0.98 3.12
N ASP A 345 19.54 0.65 3.28
CA ASP A 345 18.46 1.61 3.51
C ASP A 345 18.22 1.78 5.01
N ASP A 346 19.26 2.28 5.68
CA ASP A 346 19.23 2.33 7.14
C ASP A 346 18.09 3.17 7.66
N TRP A 347 17.75 4.22 6.95
CA TRP A 347 16.68 5.13 7.26
C TRP A 347 15.37 4.37 7.55
N ALA A 348 15.09 3.32 6.78
CA ALA A 348 13.91 2.49 7.00
C ALA A 348 14.10 1.47 8.10
N ASP A 349 15.29 1.38 8.63
CA ASP A 349 15.58 0.42 9.69
C ASP A 349 15.21 -1.02 9.32
N PRO A 350 15.95 -1.63 8.39
CA PRO A 350 15.65 -3.03 8.02
C PRO A 350 15.59 -3.98 9.20
N ARG A 351 16.48 -3.85 10.19
CA ARG A 351 16.34 -4.71 11.36
C ARG A 351 14.99 -4.51 12.04
N GLY A 352 14.54 -3.25 12.14
CA GLY A 352 13.26 -3.00 12.78
C GLY A 352 12.08 -3.46 11.95
N GLU A 353 12.22 -3.46 10.63
CA GLU A 353 11.22 -4.09 9.76
C GLU A 353 11.19 -5.59 9.99
N PHE A 354 12.38 -6.20 10.04
CA PHE A 354 12.43 -7.61 10.32
C PHE A 354 11.85 -7.92 11.69
N LEU A 355 12.17 -7.11 12.70
CA LEU A 355 11.72 -7.42 14.06
C LEU A 355 10.22 -7.20 14.20
N ALA A 356 9.66 -6.23 13.47
CA ALA A 356 8.20 -6.13 13.40
C ALA A 356 7.58 -7.45 12.95
N VAL A 357 8.16 -8.02 11.90
CA VAL A 357 7.67 -9.29 11.36
C VAL A 357 7.71 -10.38 12.42
N LYS A 358 8.84 -10.50 13.13
CA LYS A 358 8.95 -11.53 14.17
C LYS A 358 7.92 -11.29 15.28
N ALA A 359 7.71 -10.03 15.67
CA ALA A 359 6.75 -9.72 16.72
C ALA A 359 5.30 -9.89 16.25
N ALA A 360 5.05 -9.91 14.96
CA ALA A 360 3.71 -10.22 14.48
C ALA A 360 3.51 -11.71 14.22
N GLU A 361 4.58 -12.47 14.07
CA GLU A 361 4.51 -13.89 13.82
C GLU A 361 3.52 -14.61 14.74
N PRO A 362 3.45 -14.29 16.03
CA PRO A 362 2.56 -15.08 16.91
C PRO A 362 1.13 -14.99 16.48
N VAL A 363 0.74 -13.88 15.86
CA VAL A 363 -0.63 -13.76 15.36
C VAL A 363 -0.80 -14.63 14.12
N PHE A 364 0.16 -14.58 13.19
CA PHE A 364 0.08 -15.43 12.02
C PHE A 364 0.09 -16.91 12.39
N ARG A 365 0.78 -17.26 13.47
CA ARG A 365 0.87 -18.64 13.92
C ARG A 365 -0.45 -19.07 14.50
N LEU A 366 -1.16 -18.14 15.14
CA LEU A 366 -2.54 -18.40 15.57
C LEU A 366 -3.40 -18.92 14.43
N PHE A 367 -3.22 -18.37 13.23
CA PHE A 367 -3.94 -18.82 12.04
C PHE A 367 -3.16 -19.90 11.27
N GLY A 368 -2.23 -20.58 11.92
CA GLY A 368 -1.52 -21.67 11.29
C GLY A 368 -0.56 -21.28 10.19
N GLN A 369 -0.24 -19.99 10.04
CA GLN A 369 0.78 -19.60 9.09
C GLN A 369 2.13 -19.57 9.79
N THR A 370 3.20 -19.51 9.00
CA THR A 370 4.56 -19.51 9.52
CA THR A 370 4.56 -19.51 9.52
C THR A 370 5.31 -18.27 9.08
N GLY A 371 6.06 -17.69 10.02
CA GLY A 371 6.89 -16.54 9.75
C GLY A 371 8.36 -16.92 9.60
N PRO A 372 9.23 -15.92 9.48
CA PRO A 372 10.65 -16.22 9.19
C PRO A 372 11.30 -17.11 10.23
N SER A 373 12.13 -18.03 9.72
CA SER A 373 12.98 -18.88 10.54
C SER A 373 14.18 -18.07 11.02
N GLY A 374 14.59 -18.34 12.26
CA GLY A 374 15.73 -17.63 12.81
C GLY A 374 15.34 -16.35 13.51
N GLU A 375 16.24 -15.89 14.38
CA GLU A 375 15.91 -14.87 15.34
C GLU A 375 16.44 -13.49 14.95
N ASP A 376 17.26 -13.35 13.92
CA ASP A 376 17.39 -12.03 13.31
C ASP A 376 17.75 -12.17 11.84
N VAL A 377 18.15 -11.03 11.25
CA VAL A 377 17.96 -10.73 9.84
C VAL A 377 18.59 -11.81 8.97
N PRO A 378 17.85 -12.45 8.08
CA PRO A 378 18.45 -13.43 7.18
C PRO A 378 19.53 -12.78 6.34
N ARG A 379 20.37 -13.61 5.74
CA ARG A 379 21.34 -13.10 4.79
C ARG A 379 20.64 -12.58 3.54
N VAL A 380 21.36 -11.74 2.77
CA VAL A 380 20.74 -11.08 1.65
C VAL A 380 20.26 -12.12 0.65
N ASN A 381 19.13 -11.80 -0.01
CA ASN A 381 18.57 -12.55 -1.14
C ASN A 381 18.23 -13.99 -0.78
N GLU A 382 17.93 -14.21 0.49
CA GLU A 382 17.51 -15.52 1.02
C GLU A 382 16.21 -15.24 1.78
N PRO A 383 15.08 -15.12 1.09
CA PRO A 383 13.81 -14.91 1.79
C PRO A 383 13.54 -16.03 2.78
N SER A 384 12.60 -15.74 3.69
CA SER A 384 12.32 -16.66 4.77
C SER A 384 10.90 -16.43 5.27
N GLY A 385 10.21 -17.52 5.53
CA GLY A 385 8.84 -17.50 5.99
C GLY A 385 7.90 -18.10 4.97
N GLY A 386 6.75 -18.54 5.47
CA GLY A 386 5.72 -19.08 4.62
C GLY A 386 4.80 -17.97 4.14
N ALA A 387 3.62 -17.88 4.70
CA ALA A 387 2.71 -16.83 4.26
C ALA A 387 3.11 -15.47 4.83
N LEU A 388 3.90 -15.46 5.90
CA LEU A 388 4.49 -14.25 6.46
C LEU A 388 5.96 -14.32 6.09
N ARG A 389 6.40 -13.44 5.19
CA ARG A 389 7.69 -13.60 4.55
C ARG A 389 8.45 -12.30 4.54
N TYR A 390 9.77 -12.43 4.66
CA TYR A 390 10.71 -11.32 4.73
C TYR A 390 11.90 -11.66 3.85
N HIS A 391 12.41 -10.65 3.15
CA HIS A 391 13.75 -10.71 2.54
C HIS A 391 14.39 -9.35 2.67
N ILE A 392 15.73 -9.36 2.73
CA ILE A 392 16.54 -8.17 2.59
C ILE A 392 17.44 -8.40 1.39
N ARG A 393 17.62 -7.37 0.57
CA ARG A 393 18.43 -7.47 -0.64
C ARG A 393 19.56 -6.47 -0.63
N PRO A 394 20.62 -6.73 -1.38
CA PRO A 394 21.72 -5.77 -1.47
C PRO A 394 21.29 -4.43 -2.04
N GLY A 395 21.99 -3.38 -1.61
CA GLY A 395 21.89 -2.08 -2.22
C GLY A 395 20.95 -1.13 -1.51
N PRO A 396 20.78 0.06 -2.11
CA PRO A 396 20.00 1.14 -1.50
C PRO A 396 18.50 0.97 -1.74
N ALA A 397 17.73 1.90 -1.18
CA ALA A 397 16.28 1.88 -1.33
C ALA A 397 15.90 1.75 -2.80
N GLY A 398 14.77 1.14 -3.05
CA GLY A 398 14.25 1.02 -4.40
C GLY A 398 13.35 -0.19 -4.45
N MET A 399 12.90 -0.52 -5.68
CA MET A 399 12.11 -1.76 -5.86
C MET A 399 12.58 -2.44 -7.14
N THR A 400 13.52 -3.38 -6.94
CA THR A 400 14.39 -3.98 -7.93
C THR A 400 13.71 -5.13 -8.65
N ALA A 401 14.40 -5.63 -9.70
CA ALA A 401 13.91 -6.85 -10.32
C ALA A 401 13.96 -8.01 -9.34
N GLN A 402 14.87 -7.94 -8.37
CA GLN A 402 15.01 -9.02 -7.40
C GLN A 402 13.88 -9.01 -6.40
N ASP A 403 13.48 -7.82 -5.93
CA ASP A 403 12.30 -7.73 -5.07
C ASP A 403 11.08 -8.33 -5.77
N TRP A 404 10.86 -7.91 -7.01
CA TRP A 404 9.68 -8.34 -7.75
C TRP A 404 9.73 -9.83 -8.03
N ALA A 405 10.92 -10.39 -8.22
CA ALA A 405 10.96 -11.83 -8.51
C ALA A 405 10.50 -12.60 -7.29
N PHE A 406 10.91 -12.14 -6.10
CA PHE A 406 10.46 -12.80 -4.88
C PHE A 406 8.97 -12.59 -4.69
N TYR A 407 8.47 -11.40 -5.05
CA TYR A 407 7.05 -11.12 -4.85
C TYR A 407 6.21 -12.03 -5.75
N LEU A 408 6.63 -12.20 -7.01
CA LEU A 408 5.88 -13.03 -7.95
C LEU A 408 5.89 -14.50 -7.53
N ALA A 409 7.01 -15.00 -7.02
CA ALA A 409 7.04 -16.34 -6.46
C ALA A 409 6.11 -16.45 -5.26
N PHE A 410 6.13 -15.42 -4.41
CA PHE A 410 5.24 -15.40 -3.25
C PHE A 410 3.79 -15.43 -3.69
N ALA A 411 3.45 -14.57 -4.65
CA ALA A 411 2.08 -14.57 -5.16
C ALA A 411 1.70 -15.94 -5.73
N ASP A 412 2.61 -16.57 -6.49
CA ASP A 412 2.33 -17.90 -7.02
C ASP A 412 1.96 -18.85 -5.89
N GLU A 413 2.67 -18.75 -4.77
CA GLU A 413 2.47 -19.74 -3.74
C GLU A 413 1.24 -19.46 -2.90
N TRP A 414 0.95 -18.17 -2.60
CA TRP A 414 0.01 -17.79 -1.53
C TRP A 414 -1.16 -16.92 -1.94
N LEU A 415 -1.24 -16.47 -3.19
CA LEU A 415 -2.38 -15.64 -3.60
C LEU A 415 -3.55 -16.57 -3.89
N LYS A 416 -4.45 -16.63 -2.93
CA LYS A 416 -5.65 -17.46 -3.02
C LYS A 416 -5.81 -17.95 -4.46
N SER A 417 -6.17 -19.22 -4.69
CA SER A 417 -6.36 -19.75 -6.03
C SER A 417 -7.69 -19.28 -6.61
N ALA A 418 -7.89 -19.58 -7.90
CA ALA A 418 -9.20 -19.46 -8.53
C ALA A 418 -10.08 -20.67 -8.29
N LEU A 419 -9.91 -21.35 -7.16
CA LEU A 419 -10.62 -22.56 -6.80
C LEU A 419 -10.76 -22.55 -5.28
N PRO A 420 -11.53 -23.53 -4.73
CA PRO A 420 -11.65 -23.65 -3.26
C PRO A 420 -10.35 -23.51 -2.49
C1 BDP B . 11.61 9.07 2.91
C2 BDP B . 10.80 9.15 4.22
C3 BDP B . 10.43 7.71 4.56
C4 BDP B . 9.70 7.00 3.40
C5 BDP B . 10.57 7.07 2.15
C6 BDP B . 9.88 6.37 0.99
O2 BDP B . 11.54 9.74 5.29
O3 BDP B . 9.67 7.63 5.74
O4 BDP B . 9.48 5.64 3.80
O5 BDP B . 10.85 8.44 1.85
O6A BDP B . 9.13 7.03 0.22
O1 BDP B . 12.02 10.40 2.58
H1 BDP B . 12.50 8.44 3.05
H2 BDP B . 9.92 9.80 4.09
H3 BDP B . 11.37 7.18 4.72
H4 BDP B . 8.73 7.47 3.18
H5 BDP B . 11.52 6.54 2.35
HO2 BDP B . 11.67 10.68 5.11
HO3 BDP B . 9.59 8.51 6.14
HO4 BDP B . 9.05 5.15 3.08
HO1 BDP B . 12.34 10.41 1.66
C FMT C . 18.90 4.75 -0.48
O1 FMT C . 18.95 3.82 0.33
O2 FMT C . 19.59 5.77 -0.37
H FMT C . 18.12 4.75 -1.25
HO2 FMT C . 19.69 6.20 0.51
#